data_1LVG
#
_entry.id   1LVG
#
_cell.length_a   67.241
_cell.length_b   67.241
_cell.length_c   108.696
_cell.angle_alpha   90.00
_cell.angle_beta   90.00
_cell.angle_gamma   90.00
#
_symmetry.space_group_name_H-M   'P 41 21 2'
#
loop_
_entity.id
_entity.type
_entity.pdbx_description
1 polymer 'Guanylate kinase'
2 non-polymer 'POTASSIUM ION'
3 non-polymer "ADENOSINE-5'-DIPHOSPHATE"
4 non-polymer "GUANOSINE-5'-MONOPHOSPHATE"
5 water water
#
_entity_poly.entity_id   1
_entity_poly.type   'polypeptide(L)'
_entity_poly.pdbx_seq_one_letter_code
;MAGPRPVVLSGPSGAGKSTLLKKLFQEHSSIFGFSVSHTTRNPRPGEEDGKDYYFVTREMMQRDIAAGDFIEHAEFSGNL
YGTSKEAVRAVQAMNRICVLDVDLQGVRSIKKTDLCPIYIFVQPPSLDVLEQRLRLRNTETEESLAKRLAAARTDMESSK
EPGLFDLVIINDDLDKAYATLKQALSEEIKKAQGTGHA
;
_entity_poly.pdbx_strand_id   A
#
loop_
_chem_comp.id
_chem_comp.type
_chem_comp.name
_chem_comp.formula
5GP non-polymer GUANOSINE-5'-MONOPHOSPHATE 'C10 H14 N5 O8 P'
ADP non-polymer ADENOSINE-5'-DIPHOSPHATE 'C10 H15 N5 O10 P2'
K non-polymer 'POTASSIUM ION' 'K 1'
#
# COMPACT_ATOMS: atom_id res chain seq x y z
N ARG A 5 -10.46 6.55 11.54
CA ARG A 5 -9.05 6.05 11.64
C ARG A 5 -8.57 5.48 10.30
N PRO A 6 -7.51 6.07 9.73
CA PRO A 6 -7.01 5.58 8.44
C PRO A 6 -6.41 4.18 8.46
N VAL A 7 -6.24 3.62 7.29
CA VAL A 7 -5.72 2.25 7.18
C VAL A 7 -4.46 2.18 6.34
N VAL A 8 -3.45 1.52 6.89
CA VAL A 8 -2.22 1.34 6.14
C VAL A 8 -2.05 -0.14 5.89
N LEU A 9 -1.96 -0.49 4.60
CA LEU A 9 -1.75 -1.86 4.16
C LEU A 9 -0.32 -1.94 3.68
N SER A 10 0.41 -2.94 4.13
CA SER A 10 1.78 -3.09 3.65
C SER A 10 1.98 -4.57 3.34
N GLY A 11 3.19 -4.94 2.94
CA GLY A 11 3.46 -6.32 2.58
C GLY A 11 4.33 -6.34 1.35
N PRO A 12 4.91 -7.51 0.98
CA PRO A 12 5.78 -7.55 -0.20
C PRO A 12 5.06 -7.32 -1.50
N SER A 13 5.84 -6.97 -2.51
CA SER A 13 5.31 -6.75 -3.86
C SER A 13 4.75 -8.11 -4.32
N GLY A 14 3.51 -8.12 -4.81
CA GLY A 14 2.91 -9.35 -5.25
C GLY A 14 2.02 -10.04 -4.22
N ALA A 15 1.99 -9.49 -2.99
CA ALA A 15 1.20 -10.05 -1.88
C ALA A 15 -0.31 -10.07 -2.09
N GLY A 16 -0.85 -9.13 -2.86
CA GLY A 16 -2.28 -9.07 -3.09
C GLY A 16 -2.94 -7.79 -2.57
N LYS A 17 -2.13 -6.77 -2.29
CA LYS A 17 -2.69 -5.53 -1.76
C LYS A 17 -3.62 -4.82 -2.75
N SER A 18 -3.19 -4.60 -4.00
CA SER A 18 -4.07 -3.92 -4.93
C SER A 18 -5.34 -4.74 -5.15
N THR A 19 -5.19 -6.05 -5.18
CA THR A 19 -6.33 -6.93 -5.39
C THR A 19 -7.34 -6.83 -4.26
N LEU A 20 -6.87 -6.89 -3.03
CA LEU A 20 -7.76 -6.78 -1.88
C LEU A 20 -8.41 -5.39 -1.84
N LEU A 21 -7.61 -4.35 -2.09
CA LEU A 21 -8.13 -3.00 -2.05
C LEU A 21 -9.16 -2.75 -3.15
N LYS A 22 -8.96 -3.33 -4.34
CA LYS A 22 -9.94 -3.14 -5.43
C LYS A 22 -11.29 -3.68 -4.95
N LYS A 23 -11.27 -4.86 -4.33
CA LYS A 23 -12.49 -5.46 -3.78
C LYS A 23 -13.08 -4.56 -2.69
N LEU A 24 -12.24 -4.03 -1.80
CA LEU A 24 -12.75 -3.16 -0.73
C LEU A 24 -13.44 -1.89 -1.28
N PHE A 25 -12.83 -1.23 -2.26
CA PHE A 25 -13.38 -0.01 -2.82
C PHE A 25 -14.62 -0.24 -3.69
N GLN A 26 -14.71 -1.39 -4.34
CA GLN A 26 -15.90 -1.60 -5.17
C GLN A 26 -17.07 -1.87 -4.24
N GLU A 27 -16.82 -2.46 -3.08
CA GLU A 27 -17.91 -2.71 -2.15
C GLU A 27 -18.20 -1.53 -1.22
N HIS A 28 -17.17 -0.78 -0.86
CA HIS A 28 -17.34 0.36 0.05
C HIS A 28 -16.77 1.72 -0.39
N SER A 29 -17.01 2.15 -1.62
CA SER A 29 -16.49 3.44 -2.05
C SER A 29 -17.11 4.61 -1.27
N SER A 30 -18.22 4.36 -0.57
CA SER A 30 -18.88 5.40 0.21
C SER A 30 -18.16 5.69 1.50
N ILE A 31 -17.39 4.72 1.96
CA ILE A 31 -16.69 4.83 3.22
C ILE A 31 -15.19 5.10 3.10
N PHE A 32 -14.55 4.47 2.11
CA PHE A 32 -13.10 4.56 1.94
C PHE A 32 -12.63 5.43 0.78
N GLY A 33 -11.48 6.05 0.96
CA GLY A 33 -10.86 6.86 -0.08
C GLY A 33 -9.41 6.37 -0.16
N PHE A 34 -8.88 6.22 -1.35
CA PHE A 34 -7.53 5.73 -1.53
C PHE A 34 -6.53 6.89 -1.60
N SER A 35 -5.41 6.75 -0.89
CA SER A 35 -4.37 7.78 -0.94
C SER A 35 -3.59 7.53 -2.23
N VAL A 36 -3.57 8.52 -3.12
CA VAL A 36 -2.86 8.33 -4.38
C VAL A 36 -1.42 8.84 -4.24
N SER A 37 -0.51 7.88 -4.15
CA SER A 37 0.91 8.16 -3.99
C SER A 37 1.55 8.66 -5.29
N HIS A 38 2.73 9.27 -5.15
CA HIS A 38 3.49 9.69 -6.32
C HIS A 38 4.55 8.59 -6.55
N THR A 39 4.90 8.33 -7.79
CA THR A 39 5.95 7.37 -8.09
C THR A 39 6.69 7.73 -9.35
N THR A 40 7.95 7.32 -9.44
CA THR A 40 8.75 7.56 -10.63
C THR A 40 8.66 6.36 -11.59
N ARG A 41 8.14 5.23 -11.12
CA ARG A 41 8.09 4.09 -12.03
C ARG A 41 7.09 4.32 -13.16
N ASN A 42 7.23 3.55 -14.21
CA ASN A 42 6.35 3.64 -15.37
C ASN A 42 5.02 2.93 -15.11
N PRO A 43 3.93 3.45 -15.67
CA PRO A 43 2.62 2.83 -15.48
C PRO A 43 2.62 1.42 -16.07
N ARG A 44 1.82 0.55 -15.48
CA ARG A 44 1.66 -0.80 -15.99
C ARG A 44 0.39 -0.72 -16.81
N PRO A 45 0.22 -1.62 -17.78
CA PRO A 45 -1.01 -1.54 -18.56
C PRO A 45 -2.22 -1.60 -17.59
N GLY A 46 -3.22 -0.76 -17.83
CA GLY A 46 -4.38 -0.74 -16.97
C GLY A 46 -4.27 0.25 -15.82
N GLU A 47 -3.07 0.72 -15.51
CA GLU A 47 -2.92 1.68 -14.43
C GLU A 47 -3.29 3.04 -14.98
N GLU A 48 -3.74 3.92 -14.10
CA GLU A 48 -4.18 5.20 -14.57
C GLU A 48 -3.62 6.34 -13.73
N ASP A 49 -3.03 7.32 -14.39
CA ASP A 49 -2.47 8.47 -13.69
C ASP A 49 -3.57 9.19 -12.90
N GLY A 50 -3.25 9.56 -11.66
CA GLY A 50 -4.22 10.23 -10.80
C GLY A 50 -5.13 9.22 -10.12
N LYS A 51 -5.04 7.95 -10.52
CA LYS A 51 -5.87 6.91 -9.94
C LYS A 51 -5.03 5.89 -9.14
N ASP A 52 -4.11 5.21 -9.81
CA ASP A 52 -3.27 4.26 -9.09
C ASP A 52 -2.10 4.99 -8.41
N TYR A 53 -1.58 5.99 -9.12
CA TYR A 53 -0.46 6.81 -8.68
C TYR A 53 -0.46 8.09 -9.46
N TYR A 54 0.38 9.02 -9.05
CA TYR A 54 0.64 10.23 -9.83
C TYR A 54 2.02 9.84 -10.38
N PHE A 55 2.07 9.57 -11.68
CA PHE A 55 3.30 9.15 -12.33
C PHE A 55 4.11 10.38 -12.68
N VAL A 56 5.20 10.61 -11.96
CA VAL A 56 6.04 11.80 -12.15
C VAL A 56 7.53 11.48 -12.31
N THR A 57 8.35 12.51 -12.52
CA THR A 57 9.78 12.31 -12.69
C THR A 57 10.48 12.40 -11.33
N ARG A 58 11.61 11.71 -11.21
CA ARG A 58 12.38 11.74 -9.98
C ARG A 58 12.70 13.19 -9.63
N GLU A 59 13.01 13.99 -10.64
CA GLU A 59 13.37 15.38 -10.47
C GLU A 59 12.26 16.20 -9.77
N MET A 60 11.04 16.14 -10.28
CA MET A 60 9.90 16.86 -9.67
C MET A 60 9.70 16.37 -8.23
N MET A 61 9.70 15.04 -8.05
CA MET A 61 9.51 14.47 -6.74
C MET A 61 10.54 14.98 -5.74
N GLN A 62 11.81 15.00 -6.14
CA GLN A 62 12.83 15.47 -5.22
C GLN A 62 12.58 16.93 -4.90
N ARG A 63 12.14 17.68 -5.90
CA ARG A 63 11.82 19.10 -5.71
C ARG A 63 10.67 19.23 -4.69
N ASP A 64 9.58 18.49 -4.91
CA ASP A 64 8.44 18.57 -4.01
C ASP A 64 8.79 18.05 -2.62
N ILE A 65 9.60 16.99 -2.56
CA ILE A 65 10.01 16.45 -1.26
C ILE A 65 10.75 17.56 -0.49
N ALA A 66 11.71 18.22 -1.13
CA ALA A 66 12.46 19.26 -0.47
C ALA A 66 11.55 20.42 -0.10
N ALA A 67 10.56 20.70 -0.93
CA ALA A 67 9.63 21.78 -0.61
C ALA A 67 8.75 21.41 0.61
N GLY A 68 8.80 20.15 1.06
CA GLY A 68 8.01 19.76 2.22
C GLY A 68 6.59 19.30 1.91
N ASP A 69 6.32 18.94 0.66
CA ASP A 69 5.00 18.48 0.23
C ASP A 69 4.64 17.05 0.61
N PHE A 70 5.60 16.27 1.10
CA PHE A 70 5.33 14.88 1.39
C PHE A 70 5.31 14.48 2.86
N ILE A 71 4.40 13.56 3.19
CA ILE A 71 4.30 13.01 4.53
C ILE A 71 5.48 12.06 4.69
N GLU A 72 5.76 11.28 3.65
CA GLU A 72 6.90 10.34 3.68
C GLU A 72 7.25 9.94 2.26
N HIS A 73 8.47 9.46 2.04
CA HIS A 73 8.90 8.99 0.72
C HIS A 73 9.89 7.88 0.96
N ALA A 74 10.09 7.07 -0.06
CA ALA A 74 11.01 5.96 0.05
C ALA A 74 11.44 5.42 -1.29
N GLU A 75 12.67 4.94 -1.35
CA GLU A 75 13.18 4.33 -2.57
C GLU A 75 12.87 2.85 -2.45
N PHE A 76 12.29 2.30 -3.51
CA PHE A 76 11.91 0.88 -3.52
C PHE A 76 12.15 0.28 -4.89
N SER A 77 12.93 -0.80 -4.90
CA SER A 77 13.27 -1.50 -6.12
C SER A 77 13.57 -0.61 -7.31
N GLY A 78 14.52 0.31 -7.12
CA GLY A 78 14.92 1.19 -8.20
C GLY A 78 14.07 2.43 -8.45
N ASN A 79 12.96 2.59 -7.74
CA ASN A 79 12.13 3.77 -7.94
C ASN A 79 11.79 4.51 -6.65
N LEU A 80 11.36 5.75 -6.81
CA LEU A 80 10.98 6.63 -5.70
C LEU A 80 9.45 6.68 -5.58
N TYR A 81 8.97 6.57 -4.34
CA TYR A 81 7.54 6.58 -4.04
C TYR A 81 7.33 7.52 -2.86
N GLY A 82 6.11 8.03 -2.71
CA GLY A 82 5.83 8.90 -1.58
C GLY A 82 4.36 9.27 -1.43
N THR A 83 3.96 9.50 -0.18
CA THR A 83 2.60 9.90 0.13
C THR A 83 2.61 11.41 0.31
N SER A 84 2.05 12.16 -0.64
CA SER A 84 2.05 13.62 -0.52
C SER A 84 1.03 13.96 0.55
N LYS A 85 1.20 15.13 1.16
CA LYS A 85 0.25 15.57 2.18
C LYS A 85 -1.14 15.75 1.58
N GLU A 86 -1.19 16.27 0.36
CA GLU A 86 -2.45 16.53 -0.33
C GLU A 86 -3.27 15.31 -0.67
N ALA A 87 -2.60 14.21 -1.01
CA ALA A 87 -3.32 12.99 -1.32
C ALA A 87 -4.10 12.51 -0.09
N VAL A 88 -3.57 12.73 1.11
CA VAL A 88 -4.28 12.30 2.32
C VAL A 88 -5.31 13.34 2.72
N ARG A 89 -4.93 14.61 2.68
CA ARG A 89 -5.87 15.68 3.02
C ARG A 89 -7.12 15.64 2.15
N ALA A 90 -6.96 15.31 0.86
CA ALA A 90 -8.10 15.27 -0.04
C ALA A 90 -9.15 14.26 0.42
N VAL A 91 -8.68 13.09 0.84
CA VAL A 91 -9.58 12.03 1.30
C VAL A 91 -10.26 12.42 2.58
N GLN A 92 -9.47 12.91 3.52
CA GLN A 92 -10.04 13.32 4.80
C GLN A 92 -11.01 14.49 4.63
N ALA A 93 -10.73 15.39 3.68
CA ALA A 93 -11.61 16.52 3.42
C ALA A 93 -12.99 16.08 2.96
N MET A 94 -13.06 14.95 2.24
CA MET A 94 -14.32 14.41 1.74
C MET A 94 -14.97 13.50 2.77
N ASN A 95 -14.47 13.54 3.99
CA ASN A 95 -15.00 12.71 5.06
C ASN A 95 -14.98 11.21 4.73
N ARG A 96 -13.85 10.72 4.28
CA ARG A 96 -13.72 9.29 4.00
C ARG A 96 -12.56 8.74 4.78
N ILE A 97 -12.58 7.43 5.01
CA ILE A 97 -11.49 6.79 5.72
C ILE A 97 -10.34 6.62 4.72
N CYS A 98 -9.21 7.24 5.01
CA CYS A 98 -8.09 7.15 4.09
C CYS A 98 -7.36 5.81 4.17
N VAL A 99 -7.12 5.20 3.02
CA VAL A 99 -6.44 3.94 2.92
C VAL A 99 -5.16 4.11 2.14
N LEU A 100 -4.04 3.66 2.72
CA LEU A 100 -2.72 3.78 2.09
C LEU A 100 -2.09 2.42 1.83
N ASP A 101 -1.37 2.34 0.70
CA ASP A 101 -0.64 1.12 0.32
C ASP A 101 0.83 1.57 0.25
N VAL A 102 1.64 1.17 1.22
CA VAL A 102 3.07 1.56 1.24
C VAL A 102 4.01 0.43 1.68
N ASP A 103 5.32 0.59 1.44
CA ASP A 103 6.28 -0.43 1.84
C ASP A 103 6.58 -0.26 3.34
N LEU A 104 7.51 -1.09 3.83
CA LEU A 104 7.90 -1.08 5.23
C LEU A 104 8.55 0.24 5.66
N GLN A 105 9.34 0.85 4.78
CA GLN A 105 9.92 2.14 5.14
C GLN A 105 8.76 3.10 5.34
N GLY A 106 7.75 3.01 4.47
CA GLY A 106 6.60 3.89 4.61
C GLY A 106 5.89 3.70 5.95
N VAL A 107 5.76 2.44 6.36
CA VAL A 107 5.11 2.12 7.61
C VAL A 107 5.90 2.76 8.77
N ARG A 108 7.21 2.55 8.78
CA ARG A 108 8.06 3.08 9.85
C ARG A 108 7.99 4.58 9.90
N SER A 109 7.93 5.23 8.74
CA SER A 109 7.84 6.68 8.70
C SER A 109 6.47 7.17 9.22
N ILE A 110 5.39 6.53 8.79
CA ILE A 110 4.04 6.92 9.20
C ILE A 110 3.82 6.81 10.72
N LYS A 111 4.54 5.88 11.34
CA LYS A 111 4.47 5.62 12.79
C LYS A 111 4.88 6.91 13.53
N LYS A 112 5.68 7.73 12.87
CA LYS A 112 6.16 8.99 13.45
C LYS A 112 5.35 10.21 13.04
N THR A 113 4.15 9.98 12.51
CA THR A 113 3.32 11.11 12.09
C THR A 113 2.03 11.09 12.89
N ASP A 114 1.16 12.06 12.65
CA ASP A 114 -0.10 12.10 13.36
C ASP A 114 -1.23 11.42 12.57
N LEU A 115 -0.89 10.59 11.58
CA LEU A 115 -1.95 9.91 10.80
C LEU A 115 -2.70 8.90 11.71
N CYS A 116 -1.94 8.24 12.58
CA CYS A 116 -2.48 7.27 13.55
C CYS A 116 -3.45 6.26 12.96
N PRO A 117 -2.95 5.37 12.08
CA PRO A 117 -3.81 4.38 11.45
C PRO A 117 -3.75 3.00 12.10
N ILE A 118 -4.48 2.08 11.50
CA ILE A 118 -4.38 0.69 11.90
C ILE A 118 -3.42 0.17 10.82
N TYR A 119 -2.43 -0.66 11.20
CA TYR A 119 -1.44 -1.19 10.27
C TYR A 119 -1.68 -2.68 10.01
N ILE A 120 -1.79 -3.02 8.73
CA ILE A 120 -2.07 -4.40 8.33
C ILE A 120 -1.03 -4.89 7.35
N PHE A 121 -0.50 -6.09 7.62
CA PHE A 121 0.51 -6.70 6.77
C PHE A 121 -0.12 -7.84 5.94
N VAL A 122 -0.01 -7.75 4.63
CA VAL A 122 -0.55 -8.76 3.72
C VAL A 122 0.61 -9.64 3.33
N GLN A 123 0.52 -10.89 3.75
CA GLN A 123 1.60 -11.87 3.54
C GLN A 123 1.20 -13.00 2.58
N PRO A 124 2.10 -13.35 1.65
CA PRO A 124 1.77 -14.43 0.72
C PRO A 124 1.95 -15.76 1.46
N PRO A 125 1.39 -16.85 0.92
CA PRO A 125 1.50 -18.17 1.56
C PRO A 125 2.95 -18.52 1.85
N SER A 126 3.84 -18.11 0.96
CA SER A 126 5.26 -18.39 1.07
C SER A 126 5.95 -17.59 -0.03
N LEU A 127 7.28 -17.50 0.04
CA LEU A 127 8.03 -16.76 -0.96
C LEU A 127 7.90 -17.41 -2.33
N ASP A 128 7.94 -18.75 -2.40
CA ASP A 128 7.79 -19.44 -3.68
C ASP A 128 6.47 -19.02 -4.34
N VAL A 129 5.39 -19.07 -3.57
CA VAL A 129 4.09 -18.68 -4.12
C VAL A 129 4.14 -17.20 -4.52
N LEU A 130 4.73 -16.36 -3.66
CA LEU A 130 4.83 -14.93 -3.98
C LEU A 130 5.56 -14.76 -5.30
N GLU A 131 6.70 -15.42 -5.45
CA GLU A 131 7.42 -15.28 -6.71
C GLU A 131 6.59 -15.74 -7.90
N GLN A 132 5.91 -16.87 -7.74
CA GLN A 132 5.08 -17.41 -8.83
C GLN A 132 3.98 -16.43 -9.24
N ARG A 133 3.29 -15.82 -8.28
CA ARG A 133 2.22 -14.88 -8.65
C ARG A 133 2.78 -13.60 -9.26
N LEU A 134 3.92 -13.16 -8.74
CA LEU A 134 4.51 -11.91 -9.23
C LEU A 134 4.99 -12.13 -10.65
N ARG A 135 5.66 -13.25 -10.89
CA ARG A 135 6.12 -13.53 -12.24
C ARG A 135 4.92 -13.65 -13.18
N LEU A 136 3.88 -14.31 -12.70
CA LEU A 136 2.67 -14.51 -13.52
C LEU A 136 1.99 -13.21 -13.91
N ARG A 137 1.92 -12.26 -12.99
CA ARG A 137 1.30 -10.97 -13.27
C ARG A 137 2.06 -10.37 -14.45
N ASN A 138 3.32 -10.77 -14.58
CA ASN A 138 4.15 -10.37 -15.73
C ASN A 138 4.14 -8.87 -16.03
N THR A 139 4.46 -8.06 -15.02
CA THR A 139 4.50 -6.61 -15.20
C THR A 139 5.89 -6.03 -14.92
N GLU A 140 6.77 -6.82 -14.33
CA GLU A 140 8.12 -6.36 -14.02
C GLU A 140 9.23 -7.02 -14.84
N THR A 141 10.33 -6.29 -15.01
CA THR A 141 11.47 -6.78 -15.75
C THR A 141 12.19 -7.75 -14.82
N GLU A 142 13.11 -8.57 -15.34
CA GLU A 142 13.82 -9.52 -14.46
C GLU A 142 14.60 -8.84 -13.35
N GLU A 143 15.17 -7.68 -13.66
CA GLU A 143 15.93 -6.92 -12.68
C GLU A 143 14.98 -6.43 -11.58
N SER A 144 13.81 -5.95 -11.99
CA SER A 144 12.82 -5.46 -11.04
C SER A 144 12.33 -6.61 -10.16
N LEU A 145 12.11 -7.77 -10.77
CA LEU A 145 11.67 -8.94 -10.02
C LEU A 145 12.72 -9.33 -8.98
N ALA A 146 13.99 -9.32 -9.37
CA ALA A 146 15.05 -9.68 -8.42
C ALA A 146 15.02 -8.74 -7.20
N LYS A 147 14.91 -7.45 -7.46
CA LYS A 147 14.90 -6.49 -6.36
C LYS A 147 13.68 -6.67 -5.46
N ARG A 148 12.52 -6.90 -6.07
CA ARG A 148 11.32 -7.10 -5.28
C ARG A 148 11.35 -8.35 -4.42
N LEU A 149 11.89 -9.43 -4.97
CA LEU A 149 11.94 -10.68 -4.21
C LEU A 149 12.95 -10.56 -3.09
N ALA A 150 14.05 -9.85 -3.35
CA ALA A 150 15.07 -9.64 -2.33
C ALA A 150 14.41 -8.82 -1.20
N ALA A 151 13.73 -7.75 -1.56
CA ALA A 151 13.07 -6.92 -0.56
C ALA A 151 12.04 -7.73 0.22
N ALA A 152 11.30 -8.60 -0.46
CA ALA A 152 10.29 -9.42 0.21
C ALA A 152 10.89 -10.32 1.30
N ARG A 153 11.98 -11.00 0.98
CA ARG A 153 12.60 -11.86 1.98
C ARG A 153 12.96 -11.00 3.17
N THR A 154 13.72 -9.96 2.90
CA THR A 154 14.15 -9.02 3.91
C THR A 154 13.03 -8.41 4.74
N ASP A 155 12.02 -7.89 4.09
CA ASP A 155 10.93 -7.25 4.82
C ASP A 155 10.02 -8.22 5.57
N MET A 156 9.87 -9.46 5.10
CA MET A 156 8.98 -10.40 5.78
C MET A 156 9.30 -10.54 7.27
N GLU A 157 10.46 -10.04 7.65
CA GLU A 157 10.95 -9.98 9.03
C GLU A 157 9.88 -9.25 9.84
N SER A 158 9.59 -8.03 9.38
CA SER A 158 8.63 -7.10 9.97
C SER A 158 7.27 -7.62 10.35
N SER A 159 6.66 -8.46 9.52
CA SER A 159 5.34 -8.92 9.90
C SER A 159 5.41 -9.36 11.37
N LYS A 160 6.62 -9.70 11.82
CA LYS A 160 6.90 -10.16 13.18
C LYS A 160 7.53 -9.17 14.17
N GLU A 161 8.10 -8.06 13.72
CA GLU A 161 8.67 -7.11 14.66
C GLU A 161 7.57 -6.71 15.66
N PRO A 162 7.75 -7.06 16.95
CA PRO A 162 6.78 -6.77 18.02
C PRO A 162 6.19 -5.35 18.00
N GLY A 163 4.87 -5.26 17.96
CA GLY A 163 4.18 -3.97 17.95
C GLY A 163 4.10 -3.21 16.61
N LEU A 164 4.83 -3.68 15.59
CA LEU A 164 4.84 -2.98 14.31
C LEU A 164 3.46 -3.03 13.65
N PHE A 165 2.98 -4.24 13.34
CA PHE A 165 1.69 -4.39 12.69
C PHE A 165 0.57 -4.79 13.62
N ASP A 166 -0.61 -4.24 13.39
CA ASP A 166 -1.76 -4.58 14.22
C ASP A 166 -2.34 -5.92 13.79
N LEU A 167 -2.08 -6.31 12.55
CA LEU A 167 -2.61 -7.57 12.06
C LEU A 167 -1.86 -8.06 10.83
N VAL A 168 -1.83 -9.38 10.69
CA VAL A 168 -1.17 -10.04 9.57
C VAL A 168 -2.22 -10.86 8.87
N ILE A 169 -2.39 -10.64 7.58
CA ILE A 169 -3.37 -11.40 6.81
C ILE A 169 -2.63 -12.20 5.77
N ILE A 170 -2.89 -13.51 5.74
CA ILE A 170 -2.26 -14.37 4.77
C ILE A 170 -3.20 -14.43 3.57
N ASN A 171 -2.70 -14.00 2.41
CA ASN A 171 -3.51 -14.02 1.21
C ASN A 171 -3.32 -15.35 0.49
N ASP A 172 -3.89 -16.40 1.06
CA ASP A 172 -3.81 -17.74 0.50
C ASP A 172 -5.05 -17.82 -0.38
N ASP A 173 -6.21 -18.01 0.25
CA ASP A 173 -7.47 -18.00 -0.49
C ASP A 173 -7.91 -16.53 -0.46
N LEU A 174 -8.14 -15.94 -1.62
CA LEU A 174 -8.49 -14.52 -1.69
C LEU A 174 -9.78 -14.14 -0.94
N ASP A 175 -10.87 -14.86 -1.19
CA ASP A 175 -12.12 -14.56 -0.49
C ASP A 175 -11.93 -14.57 1.01
N LYS A 176 -11.19 -15.56 1.49
CA LYS A 176 -10.95 -15.66 2.92
C LYS A 176 -10.13 -14.46 3.43
N ALA A 177 -9.13 -14.03 2.66
CA ALA A 177 -8.29 -12.90 3.06
C ALA A 177 -9.15 -11.64 3.08
N TYR A 178 -9.98 -11.47 2.05
CA TYR A 178 -10.84 -10.30 2.03
C TYR A 178 -11.84 -10.28 3.19
N ALA A 179 -12.41 -11.42 3.54
CA ALA A 179 -13.33 -11.42 4.68
C ALA A 179 -12.56 -11.02 5.93
N THR A 180 -11.32 -11.49 6.05
CA THR A 180 -10.49 -11.17 7.22
C THR A 180 -10.24 -9.67 7.26
N LEU A 181 -9.96 -9.08 6.10
CA LEU A 181 -9.70 -7.64 6.02
C LEU A 181 -10.93 -6.84 6.45
N LYS A 182 -12.12 -7.22 5.95
CA LYS A 182 -13.32 -6.50 6.33
C LYS A 182 -13.65 -6.64 7.81
N GLN A 183 -13.35 -7.80 8.38
CA GLN A 183 -13.64 -8.00 9.79
C GLN A 183 -12.74 -7.08 10.60
N ALA A 184 -11.48 -6.96 10.18
CA ALA A 184 -10.55 -6.10 10.90
C ALA A 184 -11.08 -4.66 10.91
N LEU A 185 -11.76 -4.28 9.82
CA LEU A 185 -12.29 -2.93 9.65
C LEU A 185 -13.80 -2.80 9.90
N SER A 186 -14.42 -3.85 10.43
CA SER A 186 -15.86 -3.88 10.67
C SER A 186 -16.40 -2.70 11.47
N GLU A 187 -15.61 -2.21 12.41
CA GLU A 187 -16.06 -1.07 13.19
C GLU A 187 -16.14 0.14 12.30
N GLU A 188 -15.00 0.57 11.77
CA GLU A 188 -14.98 1.72 10.87
C GLU A 188 -16.13 1.59 9.89
N ILE A 189 -16.27 0.40 9.31
CA ILE A 189 -17.31 0.15 8.33
C ILE A 189 -18.71 0.36 8.91
N LYS A 190 -18.97 -0.24 10.08
CA LYS A 190 -20.28 -0.09 10.73
C LYS A 190 -20.52 1.36 11.16
N LYS A 191 -19.51 1.99 11.78
CA LYS A 191 -19.63 3.38 12.23
C LYS A 191 -20.00 4.30 11.07
N ALA A 192 -19.20 4.22 10.00
CA ALA A 192 -19.44 5.02 8.81
C ALA A 192 -20.85 4.73 8.28
N GLN A 193 -21.47 3.71 8.85
CA GLN A 193 -22.82 3.28 8.49
C GLN A 193 -22.81 2.58 7.14
N GLY A 194 -21.69 1.93 6.82
CA GLY A 194 -21.57 1.22 5.56
C GLY A 194 -21.78 -0.27 5.76
K K B . 0.54 3.70 -2.73
PB ADP C . 0.36 -6.20 -4.75
O1B ADP C . 0.53 -6.50 -3.29
O2B ADP C . -0.47 -5.06 -5.11
O3B ADP C . 1.77 -6.05 -5.42
PA ADP C . -1.48 -7.80 -6.41
O1A ADP C . -1.23 -7.06 -7.64
O2A ADP C . -2.73 -7.46 -5.69
O3A ADP C . -0.24 -7.57 -5.36
O5' ADP C . -1.37 -9.35 -6.60
C5' ADP C . -0.28 -9.99 -7.27
C4' ADP C . -0.83 -10.96 -8.36
O4' ADP C . -1.45 -12.06 -7.68
C3' ADP C . -1.86 -10.35 -9.28
O3' ADP C . -1.77 -10.91 -10.58
C2' ADP C . -3.18 -10.80 -8.62
O2' ADP C . -4.25 -10.90 -9.47
C1' ADP C . -2.80 -12.20 -8.07
N9 ADP C . -3.50 -12.61 -6.83
C8 ADP C . -3.97 -11.79 -5.82
N7 ADP C . -4.51 -12.47 -4.83
C5 ADP C . -4.40 -13.82 -5.21
C6 ADP C . -4.78 -15.02 -4.58
N6 ADP C . -5.34 -15.09 -3.41
N1 ADP C . -4.49 -16.16 -5.29
C2 ADP C . -3.89 -16.18 -6.50
N3 ADP C . -3.50 -15.06 -7.16
C4 ADP C . -3.79 -13.94 -6.44
P 5GP D . 4.50 -1.06 -6.96
O1P 5GP D . 5.61 -0.64 -7.80
O2P 5GP D . 3.22 -0.38 -7.27
O3P 5GP D . 4.32 -2.60 -7.01
O5' 5GP D . 4.77 -0.86 -5.43
C5' 5GP D . 6.08 -1.13 -4.92
C4' 5GP D . 6.17 -0.99 -3.42
O4' 5GP D . 6.27 0.43 -2.96
C3' 5GP D . 5.05 -1.60 -2.55
O3' 5GP D . 5.52 -2.22 -1.34
C2' 5GP D . 4.17 -0.44 -2.22
O2' 5GP D . 3.43 -0.61 -1.02
C1' 5GP D . 5.13 0.71 -2.14
N9 5GP D . 4.56 2.07 -2.26
C8 5GP D . 3.64 2.62 -3.12
N7 5GP D . 3.35 3.87 -2.89
C5 5GP D . 4.17 4.16 -1.76
C6 5GP D . 4.28 5.40 -1.01
O6 5GP D . 3.68 6.46 -1.17
N1 5GP D . 5.22 5.28 0.05
C2 5GP D . 5.94 4.12 0.33
N2 5GP D . 6.76 4.25 1.39
N3 5GP D . 5.83 2.96 -0.35
C4 5GP D . 4.91 3.07 -1.39
#